data_1F6Y
#
_entry.id   1F6Y
#
_cell.length_a   65.000
_cell.length_b   89.412
_cell.length_c   115.385
_cell.angle_alpha   90.00
_cell.angle_beta   90.00
_cell.angle_gamma   90.00
#
_symmetry.space_group_name_H-M   'P 21 21 21'
#
loop_
_entity.id
_entity.type
_entity.pdbx_description
1 polymer '5-METHYLTETRAHYDROFOLATE CORRINOID/IRON SULFUR PROTEIN METHYLTRANSFERASE'
2 water water
#
_entity_poly.entity_id   1
_entity_poly.type   'polypeptide(L)'
_entity_poly.pdbx_seq_one_letter_code
;MLIIGERINGMFGDIKRAIQERDPAPVQEWARRQEEGGARALDLNVGPAVQDKVSAMEWLVEVTQEVSNLTLCLDSTNIK
AIEAGLKKCKNRAMINSTNAEREKVEKLFPLAVEHGAALIGLTMNKTGIPKDSDTRLAFAMELVAAADEFGLPMEDLYID
PLILPANVAQDHAPEVLKTLQQIKMLADPAPKTVLGLSNVSQNCQNRPLINRTFLAMAMACGLMSAIADACDEALIETAA
TAEILLNQTVYCDSFVKMFKTR
;
_entity_poly.pdbx_strand_id   A,B
#
# COMPACT_ATOMS: atom_id res chain seq x y z
N MET A 1 10.15 -7.35 5.48
CA MET A 1 8.87 -7.84 6.01
C MET A 1 8.96 -9.31 6.41
N LEU A 2 8.68 -9.59 7.67
CA LEU A 2 8.67 -10.94 8.22
C LEU A 2 7.30 -11.57 8.09
N ILE A 3 7.19 -12.60 7.24
CA ILE A 3 5.92 -13.32 7.14
C ILE A 3 5.91 -14.48 8.13
N ILE A 4 4.98 -14.41 9.08
CA ILE A 4 4.75 -15.48 10.04
C ILE A 4 3.58 -16.35 9.57
N GLY A 5 3.89 -17.58 9.15
CA GLY A 5 2.92 -18.45 8.52
C GLY A 5 1.83 -18.89 9.48
N GLU A 6 0.57 -18.71 9.07
CA GLU A 6 -0.59 -18.83 9.94
C GLU A 6 -1.15 -20.24 10.00
N ARG A 7 -0.71 -21.14 9.11
CA ARG A 7 -1.55 -22.28 8.77
C ARG A 7 -1.55 -23.34 9.86
N ILE A 8 -0.50 -23.44 10.68
CA ILE A 8 -0.49 -24.47 11.73
C ILE A 8 -1.28 -24.02 12.95
N ASN A 9 -2.60 -23.97 12.80
CA ASN A 9 -3.55 -23.47 13.77
C ASN A 9 -4.70 -24.46 13.95
N GLY A 10 -5.04 -24.73 15.21
CA GLY A 10 -6.02 -25.74 15.56
C GLY A 10 -7.41 -25.43 15.03
N MET A 11 -7.68 -24.17 14.71
CA MET A 11 -8.95 -23.78 14.12
C MET A 11 -9.14 -24.39 12.74
N PHE A 12 -8.05 -24.87 12.15
CA PHE A 12 -8.16 -25.67 10.94
C PHE A 12 -8.30 -27.15 11.27
N GLY A 13 -9.29 -27.79 10.67
CA GLY A 13 -9.71 -29.14 10.98
C GLY A 13 -8.61 -30.17 10.87
N ASP A 14 -7.77 -30.06 9.84
CA ASP A 14 -6.72 -31.06 9.66
C ASP A 14 -5.67 -30.95 10.76
N ILE A 15 -5.44 -29.74 11.25
CA ILE A 15 -4.47 -29.54 12.33
C ILE A 15 -5.05 -29.97 13.66
N LYS A 16 -6.35 -29.72 13.86
CA LYS A 16 -7.03 -30.17 15.05
C LYS A 16 -7.01 -31.69 15.18
N ARG A 17 -7.22 -32.36 14.05
CA ARG A 17 -7.17 -33.82 13.99
C ARG A 17 -5.74 -34.34 14.21
N ALA A 18 -4.77 -33.74 13.51
CA ALA A 18 -3.38 -34.15 13.69
C ALA A 18 -2.97 -34.05 15.16
N ILE A 19 -3.36 -32.97 15.82
CA ILE A 19 -3.02 -32.79 17.22
C ILE A 19 -3.72 -33.82 18.09
N GLN A 20 -5.01 -34.00 17.85
CA GLN A 20 -5.80 -35.00 18.58
C GLN A 20 -5.22 -36.40 18.40
N GLU A 21 -4.90 -36.75 17.16
CA GLU A 21 -4.36 -38.06 16.83
C GLU A 21 -2.87 -38.16 17.15
N ARG A 22 -2.28 -37.03 17.49
CA ARG A 22 -0.83 -36.90 17.61
C ARG A 22 -0.14 -37.44 16.36
N ASP A 23 -0.65 -37.04 15.20
CA ASP A 23 -0.01 -37.34 13.92
C ASP A 23 0.73 -36.11 13.40
N PRO A 24 2.05 -36.18 13.42
CA PRO A 24 2.90 -35.04 13.09
C PRO A 24 2.95 -34.73 11.60
N ALA A 25 2.53 -35.66 10.75
CA ALA A 25 2.70 -35.49 9.30
C ALA A 25 2.01 -34.25 8.78
N PRO A 26 0.72 -34.03 9.04
CA PRO A 26 0.09 -32.81 8.53
C PRO A 26 0.76 -31.55 9.04
N VAL A 27 1.27 -31.59 10.28
CA VAL A 27 1.96 -30.43 10.83
C VAL A 27 3.26 -30.16 10.07
N GLN A 28 4.08 -31.20 9.93
CA GLN A 28 5.39 -31.04 9.30
C GLN A 28 5.23 -30.68 7.82
N GLU A 29 4.15 -31.16 7.20
CA GLU A 29 3.89 -30.84 5.81
C GLU A 29 3.53 -29.36 5.64
N TRP A 30 2.71 -28.84 6.55
CA TRP A 30 2.39 -27.43 6.53
C TRP A 30 3.61 -26.57 6.85
N ALA A 31 4.56 -27.15 7.59
CA ALA A 31 5.78 -26.45 7.96
C ALA A 31 6.67 -26.19 6.76
N ARG A 32 6.88 -27.22 5.95
CA ARG A 32 7.70 -27.09 4.75
C ARG A 32 7.05 -26.15 3.75
N ARG A 33 5.76 -26.37 3.49
CA ARG A 33 5.07 -25.57 2.48
C ARG A 33 5.12 -24.09 2.84
N GLN A 34 4.77 -23.77 4.08
CA GLN A 34 4.81 -22.36 4.49
C GLN A 34 6.21 -21.79 4.28
N GLU A 35 7.23 -22.45 4.83
CA GLU A 35 8.60 -22.03 4.59
C GLU A 35 8.89 -21.88 3.10
N GLU A 36 8.43 -22.86 2.31
CA GLU A 36 8.69 -22.81 0.88
C GLU A 36 7.92 -21.66 0.24
N GLY A 37 6.83 -21.26 0.88
CA GLY A 37 6.12 -20.06 0.45
C GLY A 37 6.96 -18.82 0.62
N GLY A 38 7.73 -18.77 1.71
CA GLY A 38 8.60 -17.64 1.96
C GLY A 38 8.45 -17.12 3.38
N ALA A 39 7.72 -17.87 4.21
CA ALA A 39 7.64 -17.57 5.63
C ALA A 39 8.98 -17.81 6.32
N ARG A 40 9.35 -16.88 7.21
CA ARG A 40 10.56 -17.01 8.00
C ARG A 40 10.22 -17.21 9.47
N ALA A 41 8.93 -17.46 9.73
CA ALA A 41 8.48 -17.87 11.04
C ALA A 41 7.21 -18.71 10.92
N LEU A 42 6.96 -19.55 11.91
CA LEU A 42 5.79 -20.42 11.93
C LEU A 42 4.92 -20.15 13.16
N ASP A 43 3.69 -19.69 12.93
CA ASP A 43 2.75 -19.59 14.04
C ASP A 43 2.28 -20.96 14.50
N LEU A 44 2.26 -21.15 15.81
CA LEU A 44 1.83 -22.42 16.39
C LEU A 44 0.68 -22.21 17.37
N ASN A 45 -0.46 -22.78 17.05
CA ASN A 45 -1.71 -22.56 17.78
C ASN A 45 -2.44 -23.88 17.96
N VAL A 46 -2.56 -24.31 19.22
CA VAL A 46 -3.08 -25.65 19.51
C VAL A 46 -4.56 -25.74 19.11
N GLY A 47 -5.21 -24.59 18.98
CA GLY A 47 -6.61 -24.56 18.60
C GLY A 47 -7.53 -24.42 19.81
N ASP A 52 -5.60 -30.29 27.31
CA ASP A 52 -4.18 -30.23 27.66
C ASP A 52 -3.42 -29.33 26.70
N LYS A 53 -3.50 -28.02 26.92
CA LYS A 53 -2.88 -27.05 26.03
C LYS A 53 -1.37 -27.08 26.13
N VAL A 54 -0.85 -27.29 27.34
CA VAL A 54 0.60 -27.26 27.56
C VAL A 54 1.29 -28.36 26.77
N SER A 55 0.79 -29.58 26.93
CA SER A 55 1.34 -30.74 26.23
C SER A 55 1.22 -30.57 24.72
N ALA A 56 0.09 -30.06 24.27
CA ALA A 56 -0.17 -29.91 22.84
C ALA A 56 0.80 -28.91 22.20
N MET A 57 1.06 -27.81 22.91
CA MET A 57 2.08 -26.87 22.45
C MET A 57 3.43 -27.55 22.35
N GLU A 58 3.80 -28.28 23.39
CA GLU A 58 5.08 -28.98 23.43
C GLU A 58 5.27 -29.85 22.19
N TRP A 59 4.29 -30.71 21.94
CA TRP A 59 4.27 -31.56 20.76
C TRP A 59 4.35 -30.74 19.48
N LEU A 60 3.61 -29.63 19.45
CA LEU A 60 3.66 -28.78 18.26
C LEU A 60 5.09 -28.29 18.02
N VAL A 61 5.74 -27.82 19.07
CA VAL A 61 7.10 -27.31 18.97
C VAL A 61 8.06 -28.39 18.50
N GLU A 62 8.09 -29.51 19.22
CA GLU A 62 9.01 -30.59 18.91
C GLU A 62 8.79 -31.11 17.49
N VAL A 63 7.55 -31.47 17.20
CA VAL A 63 7.20 -32.06 15.91
C VAL A 63 7.58 -31.13 14.76
N THR A 64 7.41 -29.83 14.98
CA THR A 64 7.63 -28.86 13.92
C THR A 64 9.11 -28.55 13.75
N GLN A 65 9.83 -28.39 14.85
CA GLN A 65 11.24 -28.02 14.74
C GLN A 65 12.09 -29.22 14.33
N GLU A 66 11.45 -30.38 14.19
CA GLU A 66 12.11 -31.60 13.74
C GLU A 66 12.31 -31.59 12.22
N VAL A 67 11.59 -30.70 11.54
CA VAL A 67 11.70 -30.60 10.09
C VAL A 67 11.92 -29.16 9.62
N SER A 68 11.98 -28.23 10.56
CA SER A 68 12.13 -26.82 10.19
C SER A 68 12.98 -26.05 11.19
N ASN A 69 13.84 -25.18 10.68
CA ASN A 69 14.66 -24.32 11.53
C ASN A 69 14.08 -22.91 11.63
N LEU A 70 12.82 -22.74 11.19
CA LEU A 70 12.22 -21.41 11.25
C LEU A 70 11.94 -21.00 12.69
N THR A 71 12.01 -19.70 12.93
CA THR A 71 11.57 -19.12 14.19
C THR A 71 10.15 -19.58 14.52
N LEU A 72 9.93 -20.00 15.77
CA LEU A 72 8.62 -20.53 16.12
C LEU A 72 7.81 -19.50 16.90
N CYS A 73 6.58 -19.25 16.44
CA CYS A 73 5.73 -18.22 17.00
C CYS A 73 4.61 -18.84 17.83
N LEU A 74 4.83 -18.90 19.14
CA LEU A 74 3.93 -19.58 20.06
C LEU A 74 2.66 -18.78 20.30
N ASP A 75 1.53 -19.32 19.84
CA ASP A 75 0.27 -18.59 19.77
C ASP A 75 -0.77 -19.18 20.73
N SER A 76 -0.88 -18.58 21.90
CA SER A 76 -1.76 -19.11 22.94
C SER A 76 -2.01 -18.08 24.05
N THR A 77 -3.21 -18.08 24.61
CA THR A 77 -3.51 -17.23 25.76
C THR A 77 -3.20 -17.94 27.07
N ASN A 78 -2.94 -19.25 26.98
CA ASN A 78 -2.45 -20.00 28.14
C ASN A 78 -0.95 -19.76 28.32
N ILE A 79 -0.60 -19.04 29.38
CA ILE A 79 0.78 -18.63 29.58
C ILE A 79 1.65 -19.81 30.01
N LYS A 80 1.05 -20.74 30.75
CA LYS A 80 1.68 -22.03 31.03
C LYS A 80 2.18 -22.68 29.74
N ALA A 81 1.30 -22.77 28.76
CA ALA A 81 1.58 -23.42 27.49
C ALA A 81 2.73 -22.76 26.76
N ILE A 82 2.68 -21.43 26.64
CA ILE A 82 3.79 -20.71 26.00
C ILE A 82 5.10 -21.03 26.69
N GLU A 83 5.10 -20.93 28.02
CA GLU A 83 6.31 -21.20 28.79
C GLU A 83 6.85 -22.60 28.51
N ALA A 84 5.98 -23.60 28.63
CA ALA A 84 6.41 -24.97 28.33
C ALA A 84 7.00 -25.04 26.92
N GLY A 85 6.29 -24.49 25.95
CA GLY A 85 6.75 -24.42 24.58
C GLY A 85 8.05 -23.66 24.44
N LEU A 86 8.16 -22.51 25.11
CA LEU A 86 9.41 -21.75 25.11
C LEU A 86 10.59 -22.66 25.48
N LYS A 87 10.36 -23.56 26.42
CA LYS A 87 11.41 -24.44 26.94
C LYS A 87 11.85 -25.46 25.90
N LYS A 88 10.92 -25.91 25.07
CA LYS A 88 11.17 -26.97 24.11
C LYS A 88 11.84 -26.45 22.84
N CYS A 89 11.84 -25.14 22.66
CA CYS A 89 12.27 -24.51 21.41
C CYS A 89 13.79 -24.60 21.22
N LYS A 90 14.22 -25.19 20.11
CA LYS A 90 15.65 -25.32 19.86
C LYS A 90 16.31 -23.99 19.54
N ASN A 91 15.53 -23.04 19.02
CA ASN A 91 16.09 -21.73 18.68
C ASN A 91 15.23 -20.60 19.21
N ARG A 92 15.67 -19.37 18.98
CA ARG A 92 14.91 -18.19 19.37
C ARG A 92 13.46 -18.30 18.92
N ALA A 93 12.53 -17.81 19.75
CA ALA A 93 11.11 -17.93 19.48
C ALA A 93 10.40 -16.59 19.57
N MET A 94 9.17 -16.54 19.08
CA MET A 94 8.29 -15.40 19.34
C MET A 94 7.10 -15.83 20.20
N ILE A 95 6.62 -14.90 21.02
CA ILE A 95 5.45 -15.12 21.85
C ILE A 95 4.26 -14.30 21.35
N ASN A 96 3.15 -14.97 21.09
CA ASN A 96 1.91 -14.38 20.62
C ASN A 96 0.73 -14.83 21.47
N SER A 97 0.37 -14.04 22.48
CA SER A 97 0.94 -12.72 22.72
C SER A 97 0.70 -12.26 24.15
N THR A 98 1.12 -11.03 24.44
CA THR A 98 0.64 -10.28 25.59
C THR A 98 -0.25 -9.12 25.13
N ASN A 99 -1.15 -8.69 26.00
CA ASN A 99 -1.81 -7.39 25.78
C ASN A 99 -1.30 -6.37 26.79
N ALA A 100 -2.04 -5.27 26.97
CA ALA A 100 -1.54 -4.17 27.79
C ALA A 100 -1.98 -4.30 29.24
N GLU A 101 -2.77 -5.32 29.54
CA GLU A 101 -3.14 -5.62 30.92
C GLU A 101 -1.89 -5.87 31.76
N ARG A 102 -1.69 -5.03 32.78
CA ARG A 102 -0.56 -5.12 33.69
C ARG A 102 -0.33 -6.56 34.17
N GLU A 103 -1.41 -7.28 34.47
CA GLU A 103 -1.24 -8.66 34.91
C GLU A 103 -0.53 -9.51 33.86
N LYS A 104 -0.80 -9.23 32.59
CA LYS A 104 -0.14 -9.98 31.52
C LYS A 104 1.30 -9.50 31.35
N VAL A 105 1.46 -8.19 31.32
CA VAL A 105 2.74 -7.52 31.09
C VAL A 105 3.81 -8.02 32.05
N GLU A 106 3.51 -8.00 33.35
CA GLU A 106 4.51 -8.33 34.34
C GLU A 106 4.97 -9.78 34.23
N LYS A 107 4.15 -10.61 33.58
CA LYS A 107 4.47 -12.02 33.39
C LYS A 107 5.20 -12.26 32.07
N LEU A 108 4.61 -11.81 30.97
CA LEU A 108 5.07 -12.22 29.65
C LEU A 108 6.27 -11.41 29.19
N PHE A 109 6.34 -10.13 29.60
CA PHE A 109 7.52 -9.33 29.30
C PHE A 109 8.78 -9.94 29.91
N PRO A 110 8.80 -10.25 31.20
CA PRO A 110 9.99 -10.90 31.77
C PRO A 110 10.23 -12.28 31.15
N LEU A 111 9.17 -13.05 31.04
CA LEU A 111 9.17 -14.35 30.40
C LEU A 111 9.95 -14.33 29.08
N ALA A 112 9.61 -13.36 28.24
CA ALA A 112 10.27 -13.18 26.95
C ALA A 112 11.76 -12.86 27.14
N VAL A 113 12.06 -12.08 28.17
CA VAL A 113 13.44 -11.70 28.43
C VAL A 113 14.25 -12.92 28.87
N GLU A 114 13.62 -13.78 29.66
CA GLU A 114 14.27 -15.00 30.11
C GLU A 114 14.71 -15.87 28.94
N HIS A 115 13.90 -15.91 27.88
CA HIS A 115 14.16 -16.85 26.80
C HIS A 115 14.68 -16.16 25.54
N GLY A 116 15.02 -14.88 25.65
CA GLY A 116 15.53 -14.12 24.53
C GLY A 116 14.58 -14.16 23.35
N ALA A 117 13.28 -14.18 23.64
CA ALA A 117 12.27 -14.30 22.60
C ALA A 117 11.71 -12.93 22.21
N ALA A 118 11.25 -12.84 20.96
CA ALA A 118 10.44 -11.70 20.54
C ALA A 118 9.09 -11.71 21.25
N LEU A 119 8.47 -10.54 21.33
CA LEU A 119 7.20 -10.43 22.03
C LEU A 119 6.20 -9.58 21.24
N ILE A 120 5.06 -10.19 20.94
CA ILE A 120 3.98 -9.48 20.28
C ILE A 120 3.04 -8.87 21.31
N GLY A 121 2.71 -7.60 21.12
CA GLY A 121 1.88 -6.88 22.07
C GLY A 121 0.67 -6.23 21.43
N LEU A 122 -0.51 -6.66 21.87
CA LEU A 122 -1.77 -6.07 21.46
C LEU A 122 -2.01 -4.71 22.12
N THR A 123 -2.33 -3.70 21.31
CA THR A 123 -2.75 -2.40 21.81
C THR A 123 -4.15 -2.48 22.40
N MET A 124 -4.28 -3.19 23.52
CA MET A 124 -5.57 -3.37 24.17
C MET A 124 -5.39 -3.90 25.58
N ASN A 125 -6.38 -3.66 26.44
CA ASN A 125 -6.47 -4.38 27.71
C ASN A 125 -7.64 -5.36 27.66
N LYS A 126 -8.24 -5.66 28.81
CA LYS A 126 -9.35 -6.60 28.83
C LYS A 126 -10.68 -5.91 28.54
N THR A 127 -10.67 -4.58 28.52
CA THR A 127 -11.88 -3.81 28.23
C THR A 127 -12.40 -4.11 26.83
N GLY A 128 -11.49 -4.38 25.90
CA GLY A 128 -11.86 -4.64 24.51
C GLY A 128 -11.01 -3.86 23.52
N ILE A 129 -11.10 -4.23 22.24
CA ILE A 129 -10.30 -3.59 21.21
C ILE A 129 -10.76 -2.16 20.96
N PRO A 130 -9.82 -1.23 21.11
CA PRO A 130 -10.12 0.21 21.09
C PRO A 130 -10.68 0.67 19.75
N LYS A 131 -11.46 1.75 19.79
CA LYS A 131 -12.21 2.22 18.63
C LYS A 131 -11.41 3.20 17.79
N ASP A 132 -10.25 3.63 18.29
CA ASP A 132 -9.51 4.67 17.57
C ASP A 132 -8.00 4.49 17.71
N SER A 133 -7.26 5.31 16.96
CA SER A 133 -5.82 5.24 16.90
C SER A 133 -5.16 5.95 18.07
N ASP A 134 -5.89 6.85 18.71
CA ASP A 134 -5.37 7.52 19.90
C ASP A 134 -5.32 6.56 21.08
N THR A 135 -6.46 5.91 21.32
CA THR A 135 -6.57 4.92 22.38
C THR A 135 -5.64 3.75 22.13
N ARG A 136 -5.50 3.37 20.86
CA ARG A 136 -4.54 2.36 20.45
C ARG A 136 -3.11 2.80 20.80
N LEU A 137 -2.75 3.96 20.26
CA LEU A 137 -1.51 4.66 20.57
C LEU A 137 -1.16 4.56 22.05
N ALA A 138 -2.11 4.92 22.90
CA ALA A 138 -1.85 4.95 24.34
C ALA A 138 -1.56 3.56 24.89
N PHE A 139 -2.08 2.53 24.23
CA PHE A 139 -1.78 1.17 24.68
C PHE A 139 -0.40 0.73 24.19
N ALA A 140 0.00 1.23 23.03
CA ALA A 140 1.30 0.88 22.45
C ALA A 140 2.45 1.52 23.22
N MET A 141 2.17 2.68 23.79
CA MET A 141 3.12 3.41 24.63
C MET A 141 3.41 2.67 25.93
N GLU A 142 2.37 2.11 26.54
CA GLU A 142 2.54 1.28 27.73
C GLU A 142 3.37 0.05 27.42
N LEU A 143 3.08 -0.59 26.29
CA LEU A 143 3.88 -1.70 25.77
C LEU A 143 5.35 -1.32 25.68
N VAL A 144 5.62 -0.16 25.09
CA VAL A 144 6.98 0.33 24.95
C VAL A 144 7.61 0.57 26.32
N ALA A 145 6.86 1.20 27.22
CA ALA A 145 7.37 1.48 28.55
C ALA A 145 7.66 0.18 29.31
N ALA A 146 6.78 -0.80 29.12
CA ALA A 146 6.94 -2.13 29.68
C ALA A 146 8.25 -2.77 29.23
N ALA A 147 8.61 -2.57 27.96
CA ALA A 147 9.84 -3.13 27.43
C ALA A 147 11.07 -2.58 28.15
N ASP A 148 11.10 -1.26 28.30
CA ASP A 148 12.23 -0.60 28.96
C ASP A 148 12.34 -1.04 30.42
N GLU A 149 11.19 -1.14 31.08
CA GLU A 149 11.17 -1.56 32.48
C GLU A 149 11.86 -2.90 32.63
N PHE A 150 11.44 -3.87 31.81
CA PHE A 150 11.89 -5.25 32.01
C PHE A 150 13.12 -5.58 31.15
N GLY A 151 13.68 -4.58 30.50
CA GLY A 151 14.91 -4.75 29.75
C GLY A 151 14.74 -5.59 28.51
N LEU A 152 13.57 -5.55 27.88
CA LEU A 152 13.38 -6.19 26.58
C LEU A 152 13.80 -5.25 25.46
N PRO A 153 14.72 -5.68 24.62
CA PRO A 153 15.19 -4.81 23.53
C PRO A 153 14.02 -4.34 22.67
N MET A 154 14.04 -3.08 22.25
CA MET A 154 12.88 -2.51 21.58
C MET A 154 12.62 -3.18 20.23
N GLU A 155 13.69 -3.61 19.56
CA GLU A 155 13.56 -4.27 18.27
C GLU A 155 12.97 -5.66 18.41
N ASP A 156 12.77 -6.12 19.65
CA ASP A 156 12.20 -7.42 19.95
C ASP A 156 10.76 -7.30 20.43
N LEU A 157 10.21 -6.09 20.40
CA LEU A 157 8.80 -5.90 20.70
C LEU A 157 7.99 -5.67 19.41
N TYR A 158 7.00 -6.51 19.17
CA TYR A 158 6.14 -6.37 18.00
C TYR A 158 4.76 -5.89 18.42
N ILE A 159 4.43 -4.65 18.07
CA ILE A 159 3.14 -4.09 18.51
C ILE A 159 2.04 -4.35 17.48
N ASP A 160 0.92 -4.87 17.96
CA ASP A 160 -0.23 -5.19 17.12
C ASP A 160 -1.41 -4.26 17.41
N PRO A 161 -1.61 -3.30 16.52
CA PRO A 161 -2.70 -2.34 16.64
C PRO A 161 -4.05 -2.93 16.25
N LEU A 162 -4.07 -4.21 15.90
CA LEU A 162 -5.29 -4.99 15.85
C LEU A 162 -6.21 -4.59 14.70
N ILE A 163 -5.98 -5.15 13.51
CA ILE A 163 -6.89 -4.84 12.40
C ILE A 163 -8.16 -5.69 12.49
N LEU A 164 -9.27 -5.14 12.02
CA LEU A 164 -10.59 -5.72 12.14
C LEU A 164 -11.23 -5.91 10.76
N PRO A 165 -12.23 -6.77 10.65
CA PRO A 165 -12.83 -7.06 9.35
C PRO A 165 -13.35 -5.82 8.64
N ALA A 166 -13.18 -5.79 7.32
CA ALA A 166 -13.48 -4.66 6.48
C ALA A 166 -14.99 -4.47 6.26
N ASN A 167 -15.76 -5.52 6.48
CA ASN A 167 -17.19 -5.46 6.17
C ASN A 167 -18.00 -4.92 7.34
N VAL A 168 -17.54 -5.22 8.54
CA VAL A 168 -18.28 -4.92 9.76
C VAL A 168 -17.61 -3.82 10.57
N ALA A 169 -16.34 -3.57 10.27
CA ALA A 169 -15.58 -2.55 10.99
C ALA A 169 -14.67 -1.78 10.03
N GLN A 170 -15.25 -1.32 8.94
CA GLN A 170 -14.52 -0.65 7.86
C GLN A 170 -13.78 0.59 8.35
N ASP A 171 -14.29 1.22 9.39
CA ASP A 171 -13.74 2.48 9.87
C ASP A 171 -12.47 2.28 10.67
N HIS A 172 -12.21 1.04 11.07
CA HIS A 172 -11.00 0.72 11.82
C HIS A 172 -9.76 0.70 10.94
N ALA A 173 -9.89 0.30 9.67
CA ALA A 173 -8.70 0.07 8.85
C ALA A 173 -7.83 1.31 8.74
N PRO A 174 -8.36 2.46 8.36
CA PRO A 174 -7.51 3.66 8.34
C PRO A 174 -7.01 4.04 9.73
N GLU A 175 -7.83 3.77 10.75
CA GLU A 175 -7.41 4.07 12.12
C GLU A 175 -6.19 3.24 12.51
N VAL A 176 -6.10 2.03 11.97
CA VAL A 176 -4.94 1.16 12.20
C VAL A 176 -3.74 1.62 11.39
N LEU A 177 -3.98 2.02 10.13
CA LEU A 177 -2.91 2.63 9.34
C LEU A 177 -2.28 3.81 10.08
N LYS A 178 -3.12 4.60 10.72
CA LYS A 178 -2.71 5.81 11.42
C LYS A 178 -1.83 5.49 12.63
N THR A 179 -2.23 4.48 13.39
CA THR A 179 -1.45 4.10 14.57
C THR A 179 -0.09 3.56 14.17
N LEU A 180 -0.06 2.73 13.13
CA LEU A 180 1.20 2.23 12.59
C LEU A 180 2.16 3.35 12.27
N GLN A 181 1.66 4.39 11.59
CA GLN A 181 2.47 5.53 11.22
C GLN A 181 3.00 6.26 12.45
N GLN A 182 2.13 6.42 13.44
CA GLN A 182 2.52 7.02 14.71
C GLN A 182 3.61 6.21 15.39
N ILE A 183 3.48 4.88 15.37
CA ILE A 183 4.50 4.03 15.96
C ILE A 183 5.78 4.06 15.15
N LYS A 184 5.65 4.09 13.83
CA LYS A 184 6.78 4.20 12.92
C LYS A 184 7.62 5.43 13.24
N MET A 185 6.96 6.54 13.60
CA MET A 185 7.64 7.79 13.83
C MET A 185 8.09 7.93 15.28
N LEU A 186 8.27 6.80 15.97
CA LEU A 186 8.81 6.81 17.31
C LEU A 186 10.33 6.95 17.27
N ALA A 187 10.89 7.59 18.30
CA ALA A 187 12.31 7.84 18.36
C ALA A 187 13.11 6.56 18.54
N ASP A 188 14.34 6.55 18.03
CA ASP A 188 15.23 5.41 18.13
C ASP A 188 15.58 5.08 19.58
N PRO A 189 15.67 3.79 19.90
CA PRO A 189 15.28 2.73 18.97
C PRO A 189 13.79 2.44 19.01
N ALA A 190 13.16 2.37 17.85
CA ALA A 190 11.72 2.16 17.79
C ALA A 190 11.37 0.67 17.82
N PRO A 191 10.18 0.37 18.33
CA PRO A 191 9.69 -1.01 18.32
C PRO A 191 9.28 -1.45 16.93
N LYS A 192 9.05 -2.75 16.76
CA LYS A 192 8.50 -3.24 15.50
C LYS A 192 6.98 -3.28 15.55
N THR A 193 6.37 -3.57 14.41
CA THR A 193 4.92 -3.73 14.34
C THR A 193 4.55 -5.01 13.58
N VAL A 194 3.46 -5.63 14.02
CA VAL A 194 2.95 -6.83 13.37
C VAL A 194 1.43 -6.75 13.25
N LEU A 195 0.86 -7.50 12.31
CA LEU A 195 -0.59 -7.59 12.19
C LEU A 195 -1.05 -9.05 12.18
N GLY A 196 -2.27 -9.30 12.64
CA GLY A 196 -3.02 -10.50 12.31
C GLY A 196 -3.73 -10.32 10.98
N LEU A 197 -2.95 -10.31 9.90
CA LEU A 197 -3.33 -9.82 8.59
C LEU A 197 -4.70 -10.32 8.15
N SER A 198 -4.87 -11.64 8.14
CA SER A 198 -6.03 -12.27 7.52
C SER A 198 -7.34 -11.81 8.12
N ASN A 199 -7.32 -11.20 9.31
CA ASN A 199 -8.59 -10.78 9.90
C ASN A 199 -9.22 -9.59 9.17
N VAL A 200 -8.43 -8.87 8.39
CA VAL A 200 -8.94 -7.72 7.64
C VAL A 200 -10.07 -8.12 6.69
N SER A 201 -10.14 -9.39 6.33
CA SER A 201 -11.03 -9.83 5.25
C SER A 201 -11.95 -10.96 5.68
N GLN A 202 -12.25 -11.05 6.96
CA GLN A 202 -12.83 -12.22 7.61
C GLN A 202 -14.00 -12.80 6.83
N ASN A 203 -15.10 -12.07 6.69
CA ASN A 203 -16.24 -12.63 5.97
C ASN A 203 -16.50 -11.84 4.69
N CYS A 204 -15.42 -11.42 4.05
CA CYS A 204 -15.51 -10.55 2.89
C CYS A 204 -15.37 -11.33 1.58
N GLN A 205 -15.72 -10.69 0.47
CA GLN A 205 -15.43 -11.28 -0.83
C GLN A 205 -14.00 -10.97 -1.23
N ASN A 206 -13.41 -11.85 -2.04
CA ASN A 206 -12.03 -11.77 -2.48
C ASN A 206 -11.09 -11.41 -1.33
N ARG A 207 -11.04 -12.30 -0.34
CA ARG A 207 -10.16 -12.13 0.80
C ARG A 207 -8.69 -11.97 0.43
N PRO A 208 -8.11 -12.82 -0.42
CA PRO A 208 -6.70 -12.64 -0.79
C PRO A 208 -6.43 -11.23 -1.33
N LEU A 209 -7.36 -10.69 -2.11
CA LEU A 209 -7.20 -9.35 -2.64
C LEU A 209 -7.09 -8.33 -1.51
N ILE A 210 -8.07 -8.34 -0.62
CA ILE A 210 -8.09 -7.42 0.52
C ILE A 210 -6.84 -7.57 1.37
N ASN A 211 -6.49 -8.80 1.71
CA ASN A 211 -5.32 -9.14 2.49
C ASN A 211 -4.04 -8.52 1.93
N ARG A 212 -3.79 -8.71 0.64
CA ARG A 212 -2.54 -8.23 0.06
C ARG A 212 -2.54 -6.71 -0.09
N THR A 213 -3.70 -6.12 -0.37
CA THR A 213 -3.75 -4.67 -0.50
C THR A 213 -3.46 -3.99 0.82
N PHE A 214 -3.97 -4.55 1.92
CA PHE A 214 -3.71 -3.94 3.22
C PHE A 214 -2.26 -4.17 3.65
N LEU A 215 -1.71 -5.32 3.29
CA LEU A 215 -0.30 -5.59 3.55
C LEU A 215 0.57 -4.47 3.01
N ALA A 216 0.38 -4.15 1.74
CA ALA A 216 1.12 -3.08 1.08
C ALA A 216 0.95 -1.74 1.78
N MET A 217 -0.30 -1.40 2.12
CA MET A 217 -0.58 -0.11 2.74
C MET A 217 0.03 -0.02 4.14
N ALA A 218 0.01 -1.14 4.86
CA ALA A 218 0.53 -1.14 6.23
C ALA A 218 2.05 -1.07 6.23
N MET A 219 2.67 -1.71 5.24
CA MET A 219 4.12 -1.61 5.12
C MET A 219 4.55 -0.17 4.84
N ALA A 220 3.76 0.55 4.05
CA ALA A 220 4.10 1.95 3.79
C ALA A 220 4.03 2.76 5.08
N CYS A 221 3.26 2.25 6.05
CA CYS A 221 3.19 2.87 7.37
C CYS A 221 4.09 2.13 8.35
N GLY A 222 5.01 1.35 7.79
CA GLY A 222 6.08 0.74 8.54
C GLY A 222 5.78 -0.62 9.10
N LEU A 223 4.77 -1.33 8.63
CA LEU A 223 4.53 -2.69 9.12
C LEU A 223 5.79 -3.54 8.97
N MET A 224 6.17 -4.26 10.02
CA MET A 224 7.41 -5.02 10.02
C MET A 224 7.15 -6.51 9.86
N SER A 225 5.96 -6.97 10.22
CA SER A 225 5.69 -8.40 10.25
C SER A 225 4.22 -8.70 10.04
N ALA A 226 3.92 -9.91 9.57
CA ALA A 226 2.52 -10.28 9.35
C ALA A 226 2.30 -11.77 9.59
N ILE A 227 1.38 -12.07 10.50
CA ILE A 227 0.77 -13.40 10.52
C ILE A 227 -0.27 -13.50 9.42
N ALA A 228 -0.06 -14.44 8.51
CA ALA A 228 -0.77 -14.42 7.24
C ALA A 228 -0.63 -15.75 6.49
N ASP A 229 -1.19 -15.81 5.29
CA ASP A 229 -1.16 -17.04 4.50
C ASP A 229 0.11 -17.09 3.66
N ALA A 230 1.07 -17.91 4.10
CA ALA A 230 2.37 -17.97 3.43
C ALA A 230 2.29 -18.74 2.11
N CYS A 231 1.21 -19.48 1.91
CA CYS A 231 1.06 -20.21 0.65
C CYS A 231 0.19 -19.42 -0.33
N ASP A 232 -0.12 -18.18 0.04
CA ASP A 232 -0.68 -17.21 -0.90
C ASP A 232 0.46 -16.54 -1.67
N GLU A 233 0.74 -17.05 -2.86
CA GLU A 233 1.89 -16.58 -3.62
C GLU A 233 1.73 -15.11 -4.01
N ALA A 234 0.48 -14.66 -4.13
CA ALA A 234 0.22 -13.27 -4.50
C ALA A 234 0.50 -12.35 -3.31
N LEU A 235 0.15 -12.81 -2.12
CA LEU A 235 0.49 -12.07 -0.91
C LEU A 235 2.01 -11.96 -0.79
N ILE A 236 2.71 -13.06 -1.08
CA ILE A 236 4.17 -13.05 -0.96
C ILE A 236 4.77 -12.11 -1.99
N GLU A 237 4.20 -12.14 -3.20
CA GLU A 237 4.60 -11.17 -4.21
C GLU A 237 4.52 -9.75 -3.67
N THR A 238 3.37 -9.43 -3.09
CA THR A 238 3.19 -8.09 -2.52
C THR A 238 4.29 -7.79 -1.51
N ALA A 239 4.54 -8.71 -0.60
CA ALA A 239 5.52 -8.52 0.46
C ALA A 239 6.88 -8.16 -0.09
N ALA A 240 7.33 -8.89 -1.12
CA ALA A 240 8.64 -8.64 -1.70
C ALA A 240 8.68 -7.33 -2.47
N THR A 241 7.61 -7.04 -3.19
CA THR A 241 7.53 -5.81 -3.98
C THR A 241 7.52 -4.58 -3.08
N ALA A 242 6.75 -4.64 -2.00
CA ALA A 242 6.67 -3.54 -1.06
C ALA A 242 8.04 -3.23 -0.46
N GLU A 243 8.78 -4.28 -0.12
CA GLU A 243 10.14 -4.10 0.38
C GLU A 243 10.95 -3.23 -0.58
N ILE A 244 10.88 -3.55 -1.87
CA ILE A 244 11.62 -2.79 -2.88
C ILE A 244 11.17 -1.35 -2.94
N LEU A 245 9.87 -1.12 -2.90
CA LEU A 245 9.33 0.23 -3.06
C LEU A 245 9.68 1.12 -1.87
N LEU A 246 9.99 0.50 -0.74
CA LEU A 246 10.36 1.20 0.48
C LEU A 246 11.89 1.29 0.59
N ASN A 247 12.55 0.77 -0.44
CA ASN A 247 14.00 0.73 -0.51
C ASN A 247 14.58 0.06 0.73
N GLN A 248 13.90 -0.99 1.17
CA GLN A 248 14.32 -1.82 2.29
C GLN A 248 15.20 -2.99 1.82
N THR A 249 14.97 -3.41 0.58
CA THR A 249 15.72 -4.48 -0.05
C THR A 249 16.16 -4.05 -1.46
N VAL A 250 17.42 -4.28 -1.79
CA VAL A 250 17.95 -3.85 -3.08
C VAL A 250 17.18 -4.48 -4.24
N TYR A 251 16.87 -3.68 -5.25
CA TYR A 251 16.23 -4.22 -6.45
C TYR A 251 17.14 -5.22 -7.16
N CYS A 252 16.55 -6.30 -7.63
CA CYS A 252 16.96 -7.03 -8.81
C CYS A 252 15.73 -7.54 -9.55
N ASP A 253 15.90 -8.00 -10.78
CA ASP A 253 14.74 -8.40 -11.58
C ASP A 253 13.97 -9.54 -10.93
N SER A 254 14.68 -10.39 -10.19
CA SER A 254 14.07 -11.57 -9.58
C SER A 254 13.74 -11.36 -8.11
N PHE A 255 13.30 -10.15 -7.78
CA PHE A 255 13.08 -9.78 -6.38
C PHE A 255 12.14 -10.77 -5.70
N VAL A 256 11.09 -11.20 -6.41
CA VAL A 256 10.16 -12.16 -5.81
C VAL A 256 10.91 -13.41 -5.36
N LYS A 257 11.72 -13.95 -6.27
CA LYS A 257 12.45 -15.19 -6.00
C LYS A 257 13.47 -15.01 -4.88
N MET A 258 14.13 -13.86 -4.86
CA MET A 258 15.09 -13.58 -3.78
C MET A 258 14.40 -13.58 -2.43
N PHE A 259 13.17 -13.05 -2.37
CA PHE A 259 12.44 -13.00 -1.12
C PHE A 259 12.11 -14.40 -0.63
N LYS A 260 11.64 -15.23 -1.55
CA LYS A 260 11.14 -16.57 -1.26
C LYS A 260 12.27 -17.49 -0.81
N THR A 261 13.50 -17.12 -1.16
CA THR A 261 14.63 -18.03 -1.00
C THR A 261 15.76 -17.45 -0.17
N ARG A 262 15.57 -16.27 0.41
CA ARG A 262 16.68 -15.61 1.09
C ARG A 262 16.81 -16.05 2.54
N MET B 1 -9.99 7.19 -5.50
CA MET B 1 -8.93 7.10 -6.50
C MET B 1 -9.46 7.33 -7.91
N LEU B 2 -9.02 8.42 -8.53
CA LEU B 2 -9.32 8.71 -9.92
C LEU B 2 -8.25 8.13 -10.84
N ILE B 3 -8.61 7.12 -11.61
CA ILE B 3 -7.70 6.55 -12.61
C ILE B 3 -7.75 7.36 -13.91
N ILE B 4 -6.61 7.93 -14.27
CA ILE B 4 -6.43 8.57 -15.56
C ILE B 4 -5.79 7.62 -16.56
N GLY B 5 -6.57 7.15 -17.53
CA GLY B 5 -6.11 6.19 -18.50
C GLY B 5 -4.97 6.73 -19.35
N GLU B 6 -3.93 5.93 -19.58
CA GLU B 6 -2.71 6.45 -20.17
C GLU B 6 -2.63 6.17 -21.67
N ARG B 7 -3.56 5.38 -22.19
CA ARG B 7 -3.32 4.68 -23.45
C ARG B 7 -3.19 5.63 -24.62
N ILE B 8 -4.07 6.62 -24.70
CA ILE B 8 -4.09 7.53 -25.85
C ILE B 8 -2.86 8.44 -25.86
N ASN B 9 -1.70 7.82 -26.08
CA ASN B 9 -0.42 8.50 -26.14
C ASN B 9 0.26 8.25 -27.49
N GLY B 10 0.92 9.28 -28.02
CA GLY B 10 1.60 9.22 -29.29
C GLY B 10 2.88 8.42 -29.25
N MET B 11 3.31 8.02 -28.06
CA MET B 11 4.48 7.16 -27.94
C MET B 11 4.19 5.76 -28.47
N PHE B 12 2.93 5.36 -28.42
CA PHE B 12 2.51 4.06 -28.93
C PHE B 12 2.30 4.13 -30.44
N GLY B 13 2.67 3.06 -31.14
CA GLY B 13 2.69 3.04 -32.59
C GLY B 13 1.33 3.36 -33.19
N ASP B 14 0.30 2.64 -32.76
CA ASP B 14 -1.02 2.74 -33.37
C ASP B 14 -1.60 4.15 -33.23
N ILE B 15 -1.30 4.81 -32.12
CA ILE B 15 -1.75 6.19 -31.94
C ILE B 15 -0.91 7.14 -32.79
N LYS B 16 0.39 6.84 -32.87
CA LYS B 16 1.30 7.57 -33.73
C LYS B 16 0.77 7.64 -35.17
N ARG B 17 0.30 6.49 -35.65
CA ARG B 17 -0.23 6.37 -37.01
C ARG B 17 -1.59 7.05 -37.13
N ALA B 18 -2.52 6.64 -36.28
CA ALA B 18 -3.89 7.14 -36.32
C ALA B 18 -3.91 8.66 -36.28
N ILE B 19 -2.92 9.26 -35.63
CA ILE B 19 -2.82 10.71 -35.60
C ILE B 19 -2.47 11.25 -36.99
N GLN B 20 -1.26 10.97 -37.44
CA GLN B 20 -0.77 11.40 -38.74
C GLN B 20 -1.79 11.09 -39.84
N GLU B 21 -2.34 9.88 -39.82
CA GLU B 21 -3.33 9.47 -40.80
C GLU B 21 -4.69 10.11 -40.51
N ARG B 22 -4.77 10.83 -39.39
CA ARG B 22 -6.01 11.40 -38.92
C ARG B 22 -7.15 10.39 -38.98
N ASP B 23 -6.87 9.17 -38.54
CA ASP B 23 -7.92 8.17 -38.33
C ASP B 23 -8.26 8.06 -36.85
N PRO B 24 -9.51 8.37 -36.50
CA PRO B 24 -9.91 8.42 -35.10
C PRO B 24 -10.29 7.05 -34.54
N ALA B 25 -10.45 6.08 -35.44
CA ALA B 25 -10.86 4.73 -35.04
C ALA B 25 -10.00 4.17 -33.92
N PRO B 26 -8.68 4.14 -34.04
CA PRO B 26 -7.86 3.56 -32.97
C PRO B 26 -8.02 4.36 -31.67
N VAL B 27 -8.15 5.67 -31.80
CA VAL B 27 -8.28 6.56 -30.66
C VAL B 27 -9.60 6.32 -29.93
N GLN B 28 -10.70 6.29 -30.69
CA GLN B 28 -12.02 6.14 -30.10
C GLN B 28 -12.16 4.85 -29.32
N GLU B 29 -11.64 3.75 -29.89
CA GLU B 29 -11.79 2.44 -29.26
C GLU B 29 -10.98 2.34 -27.97
N TRP B 30 -9.75 2.85 -27.99
CA TRP B 30 -8.96 2.91 -26.78
C TRP B 30 -9.67 3.75 -25.72
N ALA B 31 -10.37 4.80 -26.17
CA ALA B 31 -11.20 5.58 -25.26
C ALA B 31 -12.29 4.71 -24.65
N ARG B 32 -12.87 3.83 -25.47
CA ARG B 32 -13.89 2.90 -24.99
C ARG B 32 -13.30 1.91 -24.01
N ARG B 33 -12.17 1.30 -24.36
CA ARG B 33 -11.58 0.24 -23.55
C ARG B 33 -11.18 0.75 -22.17
N GLN B 34 -10.54 1.91 -22.15
CA GLN B 34 -10.08 2.53 -20.92
C GLN B 34 -11.24 2.78 -19.96
N GLU B 35 -12.27 3.45 -20.45
CA GLU B 35 -13.46 3.69 -19.64
C GLU B 35 -14.05 2.38 -19.16
N GLU B 36 -14.07 1.38 -20.04
CA GLU B 36 -14.59 0.07 -19.67
C GLU B 36 -13.83 -0.48 -18.47
N GLY B 37 -12.52 -0.28 -18.46
CA GLY B 37 -11.69 -0.71 -17.34
C GLY B 37 -12.05 -0.02 -16.05
N GLY B 38 -12.46 1.24 -16.13
CA GLY B 38 -12.83 2.00 -14.96
C GLY B 38 -12.17 3.36 -14.90
N ALA B 39 -11.30 3.67 -15.85
CA ALA B 39 -10.76 5.01 -15.96
C ALA B 39 -11.89 6.04 -15.97
N ARG B 40 -11.76 7.10 -15.19
CA ARG B 40 -12.80 8.13 -15.16
C ARG B 40 -12.28 9.45 -15.66
N ALA B 41 -11.04 9.44 -16.13
CA ALA B 41 -10.45 10.48 -16.94
C ALA B 41 -9.52 9.87 -17.99
N LEU B 42 -9.03 10.68 -18.92
CA LEU B 42 -8.31 10.16 -20.08
C LEU B 42 -7.15 11.06 -20.47
N ASP B 43 -5.92 10.57 -20.33
CA ASP B 43 -4.77 11.31 -20.82
C ASP B 43 -4.76 11.36 -22.34
N LEU B 44 -4.44 12.54 -22.87
CA LEU B 44 -4.32 12.73 -24.32
C LEU B 44 -2.95 13.32 -24.66
N ASN B 45 -2.07 12.46 -25.14
CA ASN B 45 -0.73 12.91 -25.54
C ASN B 45 -0.50 12.64 -27.02
N VAL B 46 0.23 13.55 -27.65
CA VAL B 46 0.30 13.67 -29.09
C VAL B 46 1.41 12.83 -29.70
N GLY B 47 2.47 12.62 -28.93
CA GLY B 47 3.62 11.87 -29.39
C GLY B 47 4.72 12.76 -29.93
N ASP B 52 2.76 19.73 -35.64
CA ASP B 52 1.51 20.44 -35.35
C ASP B 52 0.81 19.85 -34.13
N LYS B 53 1.50 19.84 -33.00
CA LYS B 53 0.92 19.36 -31.75
C LYS B 53 -0.43 20.00 -31.48
N VAL B 54 -0.55 21.27 -31.86
CA VAL B 54 -1.76 22.05 -31.60
C VAL B 54 -2.96 21.49 -32.33
N SER B 55 -2.87 21.39 -33.66
CA SER B 55 -3.96 20.81 -34.43
C SER B 55 -4.16 19.34 -34.05
N ALA B 56 -3.05 18.69 -33.68
CA ALA B 56 -3.11 17.28 -33.27
C ALA B 56 -3.93 17.14 -31.99
N MET B 57 -3.50 17.85 -30.95
CA MET B 57 -4.21 17.84 -29.68
C MET B 57 -5.70 18.11 -29.89
N GLU B 58 -5.98 19.24 -30.54
CA GLU B 58 -7.33 19.60 -30.93
C GLU B 58 -8.06 18.41 -31.56
N TRP B 59 -7.36 17.71 -32.45
CA TRP B 59 -7.90 16.50 -33.07
C TRP B 59 -8.20 15.44 -32.01
N LEU B 60 -7.21 15.16 -31.17
CA LEU B 60 -7.39 14.19 -30.09
C LEU B 60 -8.59 14.54 -29.23
N VAL B 61 -8.69 15.81 -28.85
CA VAL B 61 -9.85 16.26 -28.07
C VAL B 61 -11.15 15.88 -28.78
N GLU B 62 -11.37 16.47 -29.95
CA GLU B 62 -12.62 16.31 -30.67
C GLU B 62 -12.95 14.85 -30.91
N VAL B 63 -12.00 14.10 -31.45
CA VAL B 63 -12.18 12.68 -31.70
C VAL B 63 -12.62 11.94 -30.43
N THR B 64 -11.89 12.16 -29.35
CA THR B 64 -12.11 11.39 -28.13
C THR B 64 -13.47 11.68 -27.51
N GLN B 65 -13.82 12.95 -27.38
CA GLN B 65 -15.07 13.32 -26.74
C GLN B 65 -16.26 13.03 -27.64
N GLU B 66 -15.98 12.61 -28.87
CA GLU B 66 -16.99 12.05 -29.74
C GLU B 66 -17.56 10.76 -29.17
N VAL B 67 -16.81 10.11 -28.29
CA VAL B 67 -17.23 8.82 -27.75
C VAL B 67 -17.21 8.78 -26.23
N SER B 68 -16.50 9.72 -25.60
CA SER B 68 -16.40 9.69 -24.14
C SER B 68 -16.82 11.00 -23.51
N ASN B 69 -17.60 10.89 -22.42
CA ASN B 69 -17.92 12.04 -21.59
C ASN B 69 -16.89 12.19 -20.46
N LEU B 70 -15.91 11.29 -20.46
CA LEU B 70 -14.88 11.28 -19.43
C LEU B 70 -14.07 12.57 -19.47
N THR B 71 -13.64 13.03 -18.30
CA THR B 71 -12.71 14.16 -18.24
C THR B 71 -11.53 13.93 -19.18
N LEU B 72 -11.20 14.96 -19.96
CA LEU B 72 -10.03 14.91 -20.83
C LEU B 72 -8.81 15.51 -20.13
N CYS B 73 -7.72 14.76 -20.09
CA CYS B 73 -6.49 15.22 -19.46
C CYS B 73 -5.44 15.59 -20.50
N LEU B 74 -5.42 16.85 -20.92
CA LEU B 74 -4.60 17.30 -22.03
C LEU B 74 -3.11 17.28 -21.67
N ASP B 75 -2.39 16.37 -22.32
CA ASP B 75 -1.02 16.03 -21.95
C ASP B 75 -0.02 16.60 -22.94
N SER B 76 0.60 17.72 -22.58
CA SER B 76 1.60 18.34 -23.43
C SER B 76 2.26 19.53 -22.73
N THR B 77 3.47 19.88 -23.18
CA THR B 77 4.19 21.02 -22.65
C THR B 77 4.06 22.21 -23.61
N ASN B 78 3.37 21.99 -24.72
CA ASN B 78 3.05 23.02 -25.68
C ASN B 78 1.80 23.81 -25.25
N ILE B 79 2.02 24.94 -24.62
CA ILE B 79 0.95 25.73 -24.03
C ILE B 79 -0.13 26.07 -25.05
N LYS B 80 0.28 26.34 -26.28
CA LYS B 80 -0.68 26.58 -27.35
C LYS B 80 -1.49 25.31 -27.62
N ALA B 81 -0.82 24.17 -27.66
CA ALA B 81 -1.52 22.90 -27.78
C ALA B 81 -2.58 22.77 -26.69
N ILE B 82 -2.14 23.02 -25.46
CA ILE B 82 -3.03 22.96 -24.30
C ILE B 82 -4.18 23.94 -24.46
N GLU B 83 -3.84 25.23 -24.59
CA GLU B 83 -4.85 26.26 -24.81
C GLU B 83 -5.78 25.89 -25.96
N ALA B 84 -5.18 25.49 -27.07
CA ALA B 84 -5.96 25.14 -28.26
C ALA B 84 -6.81 23.90 -28.01
N GLY B 85 -6.37 23.04 -27.09
CA GLY B 85 -7.12 21.85 -26.75
C GLY B 85 -8.24 22.12 -25.77
N LEU B 86 -7.99 22.97 -24.78
CA LEU B 86 -9.01 23.33 -23.81
C LEU B 86 -10.27 23.85 -24.52
N LYS B 87 -10.06 24.80 -25.41
CA LYS B 87 -11.13 25.50 -26.12
C LYS B 87 -12.07 24.53 -26.84
N LYS B 88 -11.54 23.39 -27.26
CA LYS B 88 -12.35 22.43 -28.01
C LYS B 88 -13.01 21.41 -27.09
N CYS B 89 -12.72 21.53 -25.80
CA CYS B 89 -13.26 20.60 -24.81
C CYS B 89 -14.74 20.84 -24.54
N LYS B 90 -15.53 19.77 -24.56
CA LYS B 90 -16.95 19.86 -24.28
C LYS B 90 -17.22 19.78 -22.79
N ASN B 91 -16.36 19.05 -22.08
CA ASN B 91 -16.47 18.91 -20.63
C ASN B 91 -15.28 19.57 -19.94
N ARG B 92 -15.35 19.68 -18.62
CA ARG B 92 -14.18 20.12 -17.85
C ARG B 92 -13.01 19.17 -18.06
N ALA B 93 -11.82 19.72 -18.20
CA ALA B 93 -10.63 18.91 -18.44
C ALA B 93 -9.56 19.18 -17.39
N MET B 94 -8.38 18.60 -17.59
CA MET B 94 -7.25 18.80 -16.71
C MET B 94 -5.97 19.06 -17.50
N ILE B 95 -5.16 19.98 -17.01
CA ILE B 95 -3.94 20.38 -17.72
C ILE B 95 -2.73 19.59 -17.23
N ASN B 96 -2.03 18.93 -18.15
CA ASN B 96 -0.91 18.08 -17.82
C ASN B 96 0.34 18.47 -18.60
N SER B 97 1.16 19.35 -18.05
CA SER B 97 1.04 19.86 -16.69
C SER B 97 1.74 21.20 -16.52
N THR B 98 1.90 21.64 -15.28
CA THR B 98 2.83 22.72 -14.99
C THR B 98 3.87 22.29 -13.97
N ASN B 99 5.01 22.96 -13.97
CA ASN B 99 6.00 22.73 -12.92
C ASN B 99 6.02 23.90 -11.95
N ALA B 100 7.07 24.00 -11.12
CA ALA B 100 7.14 25.07 -10.14
C ALA B 100 7.77 26.34 -10.71
N GLU B 101 8.11 26.30 -12.00
CA GLU B 101 8.79 27.42 -12.64
C GLU B 101 7.83 28.59 -12.86
N ARG B 102 8.28 29.77 -12.46
CA ARG B 102 7.44 30.97 -12.50
C ARG B 102 6.81 31.17 -13.88
N GLU B 103 7.64 31.16 -14.91
CA GLU B 103 7.20 31.42 -16.28
C GLU B 103 6.02 30.53 -16.66
N LYS B 104 6.00 29.32 -16.11
CA LYS B 104 4.92 28.38 -16.42
C LYS B 104 3.72 28.64 -15.51
N VAL B 105 3.98 28.70 -14.22
CA VAL B 105 2.98 29.06 -13.21
C VAL B 105 2.16 30.25 -13.66
N GLU B 106 2.86 31.34 -14.00
CA GLU B 106 2.21 32.58 -14.43
C GLU B 106 1.19 32.31 -15.53
N LYS B 107 1.47 31.34 -16.37
CA LYS B 107 0.66 31.10 -17.56
C LYS B 107 -0.41 30.04 -17.32
N LEU B 108 -0.02 28.94 -16.66
CA LEU B 108 -0.85 27.75 -16.71
C LEU B 108 -1.96 27.75 -15.65
N PHE B 109 -1.73 28.44 -14.55
CA PHE B 109 -2.74 28.58 -13.50
C PHE B 109 -3.91 29.47 -13.94
N PRO B 110 -3.66 30.65 -14.47
CA PRO B 110 -4.78 31.44 -15.01
C PRO B 110 -5.50 30.69 -16.13
N LEU B 111 -4.73 29.93 -16.91
CA LEU B 111 -5.29 29.12 -17.98
C LEU B 111 -6.32 28.13 -17.44
N ALA B 112 -5.93 27.40 -16.41
CA ALA B 112 -6.79 26.37 -15.83
C ALA B 112 -8.01 26.97 -15.14
N VAL B 113 -7.82 28.13 -14.52
CA VAL B 113 -8.94 28.83 -13.90
C VAL B 113 -9.93 29.31 -14.98
N GLU B 114 -9.40 29.91 -16.04
CA GLU B 114 -10.23 30.43 -17.10
C GLU B 114 -11.20 29.37 -17.63
N HIS B 115 -10.67 28.16 -17.87
CA HIS B 115 -11.46 27.09 -18.46
C HIS B 115 -12.04 26.17 -17.40
N GLY B 116 -12.00 26.60 -16.14
CA GLY B 116 -12.53 25.80 -15.05
C GLY B 116 -11.94 24.41 -14.98
N ALA B 117 -10.63 24.32 -15.23
CA ALA B 117 -9.98 23.02 -15.34
C ALA B 117 -9.10 22.72 -14.14
N ALA B 118 -8.94 21.43 -13.83
CA ALA B 118 -7.93 21.03 -12.85
C ALA B 118 -6.53 21.26 -13.42
N LEU B 119 -5.54 21.36 -12.54
CA LEU B 119 -4.17 21.53 -13.00
C LEU B 119 -3.21 20.59 -12.28
N ILE B 120 -2.33 19.97 -13.05
CA ILE B 120 -1.28 19.12 -12.48
C ILE B 120 0.05 19.85 -12.46
N GLY B 121 0.59 20.02 -11.25
CA GLY B 121 1.87 20.70 -11.07
C GLY B 121 2.95 19.75 -10.58
N LEU B 122 4.03 19.63 -11.34
CA LEU B 122 5.19 18.86 -10.92
C LEU B 122 5.97 19.58 -9.83
N THR B 123 6.35 18.85 -8.78
CA THR B 123 7.16 19.42 -7.71
C THR B 123 8.63 19.50 -8.10
N MET B 124 8.93 20.25 -9.16
CA MET B 124 10.29 20.50 -9.61
C MET B 124 10.40 21.87 -10.26
N ASN B 125 11.62 22.32 -10.54
CA ASN B 125 11.84 23.40 -11.49
C ASN B 125 12.67 22.91 -12.67
N LYS B 126 12.96 23.80 -13.62
CA LYS B 126 13.54 23.42 -14.89
C LYS B 126 14.83 22.60 -14.72
N THR B 127 15.54 22.80 -13.62
CA THR B 127 16.84 22.14 -13.47
C THR B 127 16.71 20.63 -13.56
N GLY B 128 15.95 20.04 -12.65
CA GLY B 128 15.68 18.61 -12.72
C GLY B 128 14.83 18.13 -11.56
N ILE B 129 14.49 16.84 -11.60
CA ILE B 129 13.86 16.16 -10.47
C ILE B 129 14.67 16.36 -9.19
N PRO B 130 14.01 16.76 -8.12
CA PRO B 130 14.71 16.91 -6.83
C PRO B 130 15.06 15.55 -6.23
N LYS B 131 16.08 15.54 -5.39
CA LYS B 131 16.54 14.32 -4.74
C LYS B 131 15.57 13.88 -3.66
N ASP B 132 15.39 14.71 -2.65
CA ASP B 132 14.70 14.32 -1.43
C ASP B 132 13.21 14.66 -1.47
N SER B 133 12.56 14.46 -0.34
CA SER B 133 11.15 14.79 -0.16
C SER B 133 10.97 16.23 0.30
N ASP B 134 11.98 16.77 0.99
CA ASP B 134 11.87 18.14 1.48
C ASP B 134 12.06 19.16 0.36
N THR B 135 12.76 18.77 -0.70
CA THR B 135 12.91 19.68 -1.84
C THR B 135 11.67 19.64 -2.72
N ARG B 136 11.10 18.45 -2.88
CA ARG B 136 9.82 18.34 -3.57
C ARG B 136 8.75 19.15 -2.86
N LEU B 137 8.80 19.12 -1.52
CA LEU B 137 7.79 19.80 -0.72
C LEU B 137 7.74 21.30 -1.03
N ALA B 138 8.93 21.91 -1.01
CA ALA B 138 9.05 23.35 -1.25
C ALA B 138 8.35 23.73 -2.54
N PHE B 139 8.67 23.03 -3.63
CA PHE B 139 7.94 23.21 -4.88
C PHE B 139 6.45 22.99 -4.66
N ALA B 140 6.11 22.12 -3.72
CA ALA B 140 4.72 21.79 -3.46
C ALA B 140 4.00 22.94 -2.77
N MET B 141 4.66 23.57 -1.80
CA MET B 141 4.06 24.74 -1.16
C MET B 141 3.93 25.90 -2.15
N GLU B 142 4.95 26.05 -2.99
CA GLU B 142 4.92 27.04 -4.06
C GLU B 142 3.70 26.86 -4.95
N LEU B 143 3.36 25.61 -5.24
CA LEU B 143 2.20 25.31 -6.07
C LEU B 143 0.91 25.70 -5.36
N VAL B 144 0.85 25.39 -4.07
CA VAL B 144 -0.30 25.75 -3.26
C VAL B 144 -0.54 27.26 -3.28
N ALA B 145 0.54 28.01 -3.12
CA ALA B 145 0.48 29.47 -3.11
C ALA B 145 -0.10 30.01 -4.41
N ALA B 146 0.41 29.52 -5.54
CA ALA B 146 -0.07 29.98 -6.84
C ALA B 146 -1.56 29.69 -7.02
N ALA B 147 -2.01 28.52 -6.55
CA ALA B 147 -3.44 28.21 -6.69
C ALA B 147 -4.28 29.28 -6.00
N ASP B 148 -3.83 29.71 -4.83
CA ASP B 148 -4.44 30.85 -4.16
C ASP B 148 -4.30 32.11 -5.00
N GLU B 149 -3.06 32.43 -5.39
CA GLU B 149 -2.77 33.67 -6.09
C GLU B 149 -3.65 33.86 -7.31
N PHE B 150 -3.86 32.77 -8.06
CA PHE B 150 -4.58 32.85 -9.32
C PHE B 150 -6.02 32.39 -9.18
N GLY B 151 -6.42 32.07 -7.96
CA GLY B 151 -7.81 31.73 -7.69
C GLY B 151 -8.19 30.36 -8.21
N LEU B 152 -7.22 29.46 -8.34
CA LEU B 152 -7.54 28.06 -8.60
C LEU B 152 -8.02 27.36 -7.34
N PRO B 153 -9.22 26.81 -7.36
CA PRO B 153 -9.70 25.99 -6.24
C PRO B 153 -8.69 24.90 -5.89
N MET B 154 -8.33 24.81 -4.62
CA MET B 154 -7.26 23.93 -4.17
C MET B 154 -7.53 22.49 -4.56
N GLU B 155 -8.79 22.08 -4.55
CA GLU B 155 -9.14 20.71 -4.91
C GLU B 155 -9.10 20.51 -6.43
N ASP B 156 -8.71 21.55 -7.16
CA ASP B 156 -8.48 21.48 -8.59
C ASP B 156 -7.00 21.37 -8.91
N LEU B 157 -6.16 21.55 -7.88
CA LEU B 157 -4.72 21.38 -8.04
C LEU B 157 -4.30 19.96 -7.68
N TYR B 158 -3.68 19.27 -8.64
CA TYR B 158 -3.13 17.94 -8.42
C TYR B 158 -1.60 17.97 -8.44
N ILE B 159 -0.99 17.79 -7.27
CA ILE B 159 0.45 17.89 -7.16
C ILE B 159 1.14 16.54 -7.34
N ASP B 160 2.13 16.51 -8.22
CA ASP B 160 2.83 15.29 -8.59
C ASP B 160 4.26 15.27 -8.06
N PRO B 161 4.50 14.39 -7.10
CA PRO B 161 5.79 14.33 -6.41
C PRO B 161 6.84 13.61 -7.26
N LEU B 162 6.44 13.14 -8.43
CA LEU B 162 7.36 12.65 -9.44
C LEU B 162 8.10 11.38 -9.01
N ILE B 163 7.51 10.23 -9.33
CA ILE B 163 8.11 8.93 -9.08
C ILE B 163 8.98 8.49 -10.25
N LEU B 164 10.07 7.79 -9.94
CA LEU B 164 11.02 7.33 -10.94
C LEU B 164 11.14 5.81 -10.93
N PRO B 165 11.69 5.23 -12.00
CA PRO B 165 11.92 3.79 -12.04
C PRO B 165 12.67 3.30 -10.80
N ALA B 166 12.35 2.08 -10.39
CA ALA B 166 12.80 1.49 -9.13
C ALA B 166 14.11 0.75 -9.29
N ASN B 167 14.44 0.36 -10.51
CA ASN B 167 15.70 -0.35 -10.73
C ASN B 167 16.88 0.63 -10.75
N VAL B 168 16.63 1.87 -11.17
CA VAL B 168 17.68 2.86 -11.28
C VAL B 168 17.50 4.02 -10.31
N ALA B 169 16.34 4.13 -9.68
CA ALA B 169 16.11 5.25 -8.76
C ALA B 169 15.39 4.81 -7.49
N GLN B 170 15.79 3.66 -6.93
CA GLN B 170 15.05 3.04 -5.85
C GLN B 170 14.86 3.98 -4.66
N ASP B 171 15.90 4.72 -4.30
CA ASP B 171 15.85 5.54 -3.10
C ASP B 171 14.80 6.65 -3.20
N HIS B 172 14.32 6.91 -4.41
CA HIS B 172 13.31 7.94 -4.60
C HIS B 172 11.92 7.50 -4.18
N ALA B 173 11.65 6.19 -4.20
CA ALA B 173 10.27 5.73 -3.99
C ALA B 173 9.76 6.06 -2.60
N PRO B 174 10.48 5.73 -1.54
CA PRO B 174 10.02 6.16 -0.20
C PRO B 174 10.00 7.67 -0.07
N GLU B 175 10.85 8.36 -0.83
CA GLU B 175 10.87 9.81 -0.82
C GLU B 175 9.54 10.38 -1.32
N VAL B 176 9.02 9.83 -2.42
CA VAL B 176 7.73 10.26 -2.94
C VAL B 176 6.60 9.94 -1.97
N LEU B 177 6.75 8.84 -1.24
CA LEU B 177 5.76 8.39 -0.27
C LEU B 177 5.66 9.36 0.91
N LYS B 178 6.80 9.91 1.31
CA LYS B 178 6.80 10.89 2.39
C LYS B 178 6.25 12.23 1.90
N THR B 179 6.68 12.65 0.71
CA THR B 179 6.17 13.89 0.13
C THR B 179 4.66 13.86 0.04
N LEU B 180 4.11 12.72 -0.37
CA LEU B 180 2.65 12.60 -0.47
C LEU B 180 2.01 12.84 0.89
N GLN B 181 2.57 12.22 1.92
CA GLN B 181 2.06 12.32 3.28
C GLN B 181 2.13 13.75 3.81
N GLN B 182 3.30 14.36 3.70
CA GLN B 182 3.51 15.73 4.16
C GLN B 182 2.62 16.72 3.42
N ILE B 183 2.47 16.53 2.11
CA ILE B 183 1.73 17.48 1.29
C ILE B 183 0.32 17.72 1.82
N LYS B 184 -0.31 16.66 2.34
CA LYS B 184 -1.60 16.79 3.02
C LYS B 184 -1.49 17.66 4.26
N MET B 185 -0.27 17.79 4.78
CA MET B 185 0.01 18.55 5.99
C MET B 185 0.30 20.02 5.66
N LEU B 186 0.10 20.40 4.40
CA LEU B 186 0.53 21.69 3.90
C LEU B 186 -0.58 22.74 3.98
N ALA B 187 -1.83 22.30 3.97
CA ALA B 187 -2.93 23.27 3.99
C ALA B 187 -4.24 22.63 4.45
N ASP B 188 -5.26 23.46 4.61
CA ASP B 188 -6.59 23.04 5.00
C ASP B 188 -7.65 23.97 4.43
N PRO B 189 -8.38 23.52 3.41
CA PRO B 189 -8.27 22.17 2.88
C PRO B 189 -7.09 22.01 1.91
N ALA B 190 -6.59 20.78 1.83
CA ALA B 190 -5.38 20.47 1.10
C ALA B 190 -5.61 20.35 -0.40
N PRO B 191 -4.54 20.40 -1.18
CA PRO B 191 -4.64 20.08 -2.61
C PRO B 191 -4.73 18.57 -2.82
N LYS B 192 -5.01 18.14 -4.04
CA LYS B 192 -5.01 16.71 -4.35
C LYS B 192 -3.63 16.25 -4.77
N THR B 193 -3.42 14.93 -4.86
CA THR B 193 -2.14 14.46 -5.37
C THR B 193 -2.33 13.50 -6.54
N VAL B 194 -1.30 13.41 -7.38
CA VAL B 194 -1.31 12.60 -8.58
C VAL B 194 0.06 11.98 -8.87
N LEU B 195 0.02 10.84 -9.54
CA LEU B 195 1.21 10.12 -9.94
C LEU B 195 1.13 9.71 -11.42
N GLY B 196 2.24 9.85 -12.13
CA GLY B 196 2.49 9.05 -13.32
C GLY B 196 2.91 7.65 -12.95
N LEU B 197 1.95 6.86 -12.47
CA LEU B 197 2.16 5.57 -11.83
C LEU B 197 3.15 4.71 -12.58
N SER B 198 2.91 4.50 -13.87
CA SER B 198 3.68 3.52 -14.64
C SER B 198 5.18 3.82 -14.65
N ASN B 199 5.57 5.04 -14.33
CA ASN B 199 6.97 5.42 -14.33
C ASN B 199 7.77 4.68 -13.25
N VAL B 200 7.08 4.12 -12.27
CA VAL B 200 7.75 3.45 -11.15
C VAL B 200 8.37 2.13 -11.56
N SER B 201 8.02 1.60 -12.73
CA SER B 201 8.46 0.26 -13.11
C SER B 201 9.13 0.23 -14.47
N GLN B 202 9.56 1.38 -14.96
CA GLN B 202 9.88 1.68 -16.34
C GLN B 202 10.55 0.55 -17.08
N ASN B 203 11.61 -0.03 -16.53
CA ASN B 203 12.26 -1.15 -17.21
C ASN B 203 12.52 -2.30 -16.23
N CYS B 204 11.51 -2.60 -15.43
CA CYS B 204 11.63 -3.61 -14.39
C CYS B 204 10.89 -4.89 -14.76
N GLN B 205 11.21 -5.97 -14.06
CA GLN B 205 10.49 -7.22 -14.26
C GLN B 205 9.10 -7.15 -13.63
N ASN B 206 8.10 -7.73 -14.28
CA ASN B 206 6.74 -7.73 -13.77
C ASN B 206 6.28 -6.32 -13.40
N ARG B 207 6.24 -5.44 -14.39
CA ARG B 207 5.81 -4.06 -14.20
C ARG B 207 4.45 -3.93 -13.54
N PRO B 208 3.40 -4.61 -13.99
CA PRO B 208 2.10 -4.52 -13.33
C PRO B 208 2.16 -4.75 -11.82
N LEU B 209 2.85 -5.79 -11.36
CA LEU B 209 2.94 -6.02 -9.92
C LEU B 209 3.50 -4.80 -9.21
N ILE B 210 4.58 -4.25 -9.75
CA ILE B 210 5.22 -3.07 -9.15
C ILE B 210 4.29 -1.88 -9.16
N ASN B 211 3.70 -1.59 -10.32
CA ASN B 211 2.76 -0.50 -10.47
C ASN B 211 1.69 -0.52 -9.38
N ARG B 212 1.04 -1.67 -9.19
CA ARG B 212 -0.16 -1.70 -8.36
C ARG B 212 0.22 -1.83 -6.89
N THR B 213 1.36 -2.45 -6.60
CA THR B 213 1.86 -2.41 -5.23
C THR B 213 2.04 -0.97 -4.78
N PHE B 214 2.71 -0.17 -5.60
CA PHE B 214 2.98 1.22 -5.28
C PHE B 214 1.71 2.06 -5.19
N LEU B 215 0.73 1.77 -6.03
CA LEU B 215 -0.57 2.45 -5.98
C LEU B 215 -1.18 2.34 -4.59
N ALA B 216 -1.27 1.11 -4.09
CA ALA B 216 -1.86 0.87 -2.78
C ALA B 216 -1.10 1.65 -1.71
N MET B 217 0.22 1.49 -1.72
CA MET B 217 1.11 2.24 -0.83
C MET B 217 0.86 3.73 -0.95
N ALA B 218 0.88 4.28 -2.15
CA ALA B 218 0.70 5.72 -2.29
C ALA B 218 -0.68 6.16 -1.79
N MET B 219 -1.67 5.30 -2.01
CA MET B 219 -3.03 5.66 -1.62
C MET B 219 -3.16 5.72 -0.10
N ALA B 220 -2.41 4.86 0.58
CA ALA B 220 -2.32 4.90 2.03
C ALA B 220 -1.66 6.21 2.49
N CYS B 221 -0.95 6.86 1.57
CA CYS B 221 -0.29 8.12 1.82
C CYS B 221 -1.05 9.28 1.16
N GLY B 222 -2.29 9.02 0.80
CA GLY B 222 -3.24 10.04 0.42
C GLY B 222 -3.41 10.25 -1.08
N LEU B 223 -2.76 9.46 -1.90
CA LEU B 223 -2.83 9.58 -3.35
C LEU B 223 -4.29 9.67 -3.82
N MET B 224 -4.60 10.75 -4.54
CA MET B 224 -5.98 10.96 -4.99
C MET B 224 -6.19 10.45 -6.41
N SER B 225 -5.16 10.49 -7.25
CA SER B 225 -5.36 10.07 -8.64
C SER B 225 -4.07 9.55 -9.25
N ALA B 226 -4.20 8.84 -10.39
CA ALA B 226 -3.04 8.26 -11.05
C ALA B 226 -3.25 8.12 -12.55
N ILE B 227 -2.26 8.57 -13.30
CA ILE B 227 -2.16 8.25 -14.73
C ILE B 227 -1.55 6.86 -14.90
N ALA B 228 -2.34 5.93 -15.42
CA ALA B 228 -1.91 4.53 -15.45
C ALA B 228 -2.69 3.70 -16.45
N ASP B 229 -2.49 2.39 -16.38
CA ASP B 229 -3.11 1.43 -17.28
C ASP B 229 -4.51 1.04 -16.80
N ALA B 230 -5.51 1.77 -17.26
CA ALA B 230 -6.89 1.49 -16.90
C ALA B 230 -7.36 0.13 -17.45
N CYS B 231 -6.59 -0.41 -18.38
CA CYS B 231 -6.87 -1.72 -18.95
C CYS B 231 -6.17 -2.82 -18.15
N ASP B 232 -5.49 -2.42 -17.09
CA ASP B 232 -4.87 -3.34 -16.15
C ASP B 232 -5.82 -3.71 -15.02
N GLU B 233 -6.52 -4.83 -15.18
CA GLU B 233 -7.64 -5.19 -14.31
C GLU B 233 -7.18 -5.39 -12.87
N ALA B 234 -5.93 -5.81 -12.70
CA ALA B 234 -5.35 -5.97 -11.37
C ALA B 234 -5.12 -4.61 -10.71
N LEU B 235 -4.64 -3.66 -11.51
CA LEU B 235 -4.51 -2.27 -11.08
C LEU B 235 -5.83 -1.70 -10.60
N ILE B 236 -6.87 -1.87 -11.42
CA ILE B 236 -8.22 -1.44 -11.07
C ILE B 236 -8.69 -2.12 -9.80
N GLU B 237 -8.42 -3.41 -9.68
CA GLU B 237 -8.76 -4.16 -8.47
C GLU B 237 -8.15 -3.50 -7.24
N THR B 238 -6.87 -3.18 -7.33
CA THR B 238 -6.13 -2.55 -6.25
C THR B 238 -6.73 -1.19 -5.90
N ALA B 239 -7.02 -0.38 -6.90
CA ALA B 239 -7.68 0.90 -6.67
C ALA B 239 -8.96 0.70 -5.87
N ALA B 240 -9.84 -0.14 -6.39
CA ALA B 240 -11.10 -0.48 -5.72
C ALA B 240 -10.86 -0.90 -4.27
N THR B 241 -9.90 -1.80 -4.08
CA THR B 241 -9.66 -2.40 -2.78
C THR B 241 -9.09 -1.39 -1.78
N ALA B 242 -8.19 -0.53 -2.24
CA ALA B 242 -7.52 0.38 -1.31
C ALA B 242 -8.47 1.47 -0.83
N GLU B 243 -9.40 1.84 -1.71
CA GLU B 243 -10.47 2.77 -1.35
C GLU B 243 -11.24 2.26 -0.13
N ILE B 244 -11.67 1.01 -0.23
CA ILE B 244 -12.36 0.34 0.87
C ILE B 244 -11.54 0.38 2.16
N LEU B 245 -10.27 0.01 2.05
CA LEU B 245 -9.39 -0.12 3.20
C LEU B 245 -9.16 1.22 3.88
N LEU B 246 -9.40 2.31 3.16
CA LEU B 246 -9.26 3.64 3.75
C LEU B 246 -10.62 4.17 4.18
N ASN B 247 -11.66 3.36 4.00
CA ASN B 247 -13.00 3.79 4.35
C ASN B 247 -13.44 4.99 3.51
N GLN B 248 -12.89 5.10 2.30
CA GLN B 248 -13.28 6.14 1.36
C GLN B 248 -14.54 5.73 0.58
N THR B 249 -14.69 4.42 0.36
CA THR B 249 -15.88 3.89 -0.30
C THR B 249 -16.55 2.82 0.56
N VAL B 250 -17.85 2.95 0.75
CA VAL B 250 -18.58 2.02 1.61
C VAL B 250 -18.41 0.58 1.14
N TYR B 251 -18.04 -0.32 2.04
CA TYR B 251 -17.83 -1.71 1.63
C TYR B 251 -19.10 -2.30 1.03
N CYS B 252 -18.91 -3.23 0.10
CA CYS B 252 -19.97 -4.12 -0.38
C CYS B 252 -19.32 -5.25 -1.19
N ASP B 253 -19.98 -6.41 -1.21
CA ASP B 253 -19.46 -7.64 -1.76
C ASP B 253 -18.79 -7.44 -3.12
N SER B 254 -19.53 -6.96 -4.10
CA SER B 254 -18.94 -6.75 -5.42
C SER B 254 -18.30 -5.36 -5.51
N PHE B 255 -17.40 -5.08 -4.58
CA PHE B 255 -16.82 -3.73 -4.48
C PHE B 255 -15.97 -3.42 -5.69
N VAL B 256 -15.35 -4.44 -6.28
CA VAL B 256 -14.57 -4.26 -7.49
C VAL B 256 -15.47 -3.82 -8.65
N LYS B 257 -16.58 -4.53 -8.82
CA LYS B 257 -17.59 -4.19 -9.80
C LYS B 257 -18.09 -2.76 -9.61
N MET B 258 -18.37 -2.41 -8.36
CA MET B 258 -18.90 -1.09 -8.01
C MET B 258 -17.92 0.03 -8.36
N PHE B 259 -16.63 -0.19 -8.13
CA PHE B 259 -15.65 0.82 -8.52
C PHE B 259 -15.63 1.01 -10.04
N LYS B 260 -15.93 -0.07 -10.75
CA LYS B 260 -15.87 -0.06 -12.21
C LYS B 260 -17.10 0.59 -12.82
N THR B 261 -18.25 0.47 -12.18
CA THR B 261 -19.51 0.78 -12.83
C THR B 261 -20.24 1.96 -12.20
N ARG B 262 -19.88 2.31 -10.96
CA ARG B 262 -20.55 3.39 -10.25
C ARG B 262 -20.59 4.66 -11.08
#